data_4F4U
#
_entry.id   4F4U
#
_cell.length_a   52.687
_cell.length_b   67.025
_cell.length_c   157.627
_cell.angle_alpha   90.000
_cell.angle_beta   90.000
_cell.angle_gamma   90.000
#
_symmetry.space_group_name_H-M   'P 21 21 21'
#
loop_
_entity.id
_entity.type
_entity.pdbx_description
1 polymer 'NAD-dependent lysine demalonylase and desuccinylase sirtuin-5, mitochondrial'
2 polymer 'peptide from Histone H3.1'
3 non-polymer 'ZINC ION'
4 water water
#
loop_
_entity_poly.entity_id
_entity_poly.type
_entity_poly.pdbx_seq_one_letter_code
_entity_poly.pdbx_strand_id
1 'polypeptide(L)'
;GSFTARPSSSMADFRKFFAKAKHIVIISGAGVSAESGVPTFRGAGGYWRKWQAQDLATPLAFAHNPSRVWEFYHYRREVM
GSKEPNAGHRAIAECETRLGKQGRRVVVITQNIDELHRKAGTKNLLEIHGSLFKTRCTSCGVVAENYKSPICPALSGKGA
PEPGTQDASIPVEKLPRCEEAGCGGLLRPHVVWFGENLDPAILEEVDRELAHCDLCLVVGTSSVVYPAAMFAPQVAARGV
PVAEFNTETTPATNRFRFHFQGPCGTTLPEALA
;
A,B
2 'polypeptide(L)' KQTAR(SLL)STGGKA C,D
#
loop_
_chem_comp.id
_chem_comp.type
_chem_comp.name
_chem_comp.formula
ZN non-polymer 'ZINC ION' 'Zn 2'
#
# COMPACT_ATOMS: atom_id res chain seq x y z
N THR A 4 -10.75 6.95 -31.91
CA THR A 4 -10.21 8.08 -31.15
C THR A 4 -11.07 8.34 -29.92
N ALA A 5 -10.43 8.49 -28.76
CA ALA A 5 -11.12 8.75 -27.50
C ALA A 5 -10.18 9.09 -26.35
N ARG A 6 -10.66 9.91 -25.42
CA ARG A 6 -9.91 10.26 -24.22
C ARG A 6 -9.50 8.98 -23.48
N PRO A 7 -8.35 9.02 -22.79
CA PRO A 7 -7.89 7.85 -22.03
C PRO A 7 -8.86 7.47 -20.91
N SER A 8 -8.92 6.19 -20.57
CA SER A 8 -9.86 5.70 -19.55
C SER A 8 -9.52 6.13 -18.14
N SER A 9 -10.55 6.31 -17.32
CA SER A 9 -10.39 6.64 -15.91
C SER A 9 -10.93 5.51 -15.05
N SER A 10 -11.06 4.33 -15.64
CA SER A 10 -11.69 3.20 -14.96
C SER A 10 -10.72 2.26 -14.24
N MET A 11 -10.72 2.31 -12.91
CA MET A 11 -9.85 1.46 -12.10
C MET A 11 -10.19 -0.02 -12.27
N ALA A 12 -11.47 -0.32 -12.43
CA ALA A 12 -11.90 -1.70 -12.60
C ALA A 12 -11.33 -2.30 -13.88
N ASP A 13 -11.33 -1.51 -14.95
CA ASP A 13 -10.77 -1.95 -16.23
C ASP A 13 -9.27 -2.26 -16.12
N PHE A 14 -8.51 -1.36 -15.51
CA PHE A 14 -7.10 -1.60 -15.28
C PHE A 14 -6.87 -2.86 -14.46
N ARG A 15 -7.58 -2.97 -13.35
CA ARG A 15 -7.39 -4.09 -12.43
C ARG A 15 -7.67 -5.43 -13.09
N LYS A 16 -8.55 -5.43 -14.09
CA LYS A 16 -8.81 -6.64 -14.85
C LYS A 16 -7.55 -7.12 -15.59
N PHE A 17 -6.80 -6.19 -16.18
CA PHE A 17 -5.54 -6.52 -16.83
C PHE A 17 -4.48 -6.94 -15.79
N PHE A 18 -4.46 -6.24 -14.66
CA PHE A 18 -3.45 -6.46 -13.63
C PHE A 18 -3.45 -7.88 -13.05
N ALA A 19 -4.61 -8.53 -13.07
CA ALA A 19 -4.73 -9.87 -12.48
C ALA A 19 -4.14 -10.96 -13.40
N LYS A 20 -4.10 -10.66 -14.69
CA LYS A 20 -3.64 -11.62 -15.69
C LYS A 20 -2.19 -11.39 -16.07
N ALA A 21 -1.69 -10.19 -15.79
CA ALA A 21 -0.33 -9.79 -16.17
C ALA A 21 0.75 -10.66 -15.54
N LYS A 22 1.68 -11.11 -16.37
CA LYS A 22 2.77 -11.96 -15.92
C LYS A 22 4.08 -11.18 -15.87
N HIS A 23 4.12 -10.07 -16.60
CA HIS A 23 5.34 -9.28 -16.73
C HIS A 23 5.01 -7.80 -16.69
N ILE A 24 5.20 -7.19 -15.52
CA ILE A 24 4.79 -5.80 -15.31
C ILE A 24 5.99 -4.85 -15.18
N VAL A 25 5.97 -3.80 -16.00
CA VAL A 25 6.99 -2.79 -15.98
C VAL A 25 6.48 -1.51 -15.32
N ILE A 26 7.20 -1.02 -14.33
CA ILE A 26 6.80 0.22 -13.67
C ILE A 26 7.86 1.30 -13.87
N ILE A 27 7.53 2.31 -14.69
CA ILE A 27 8.44 3.41 -14.96
C ILE A 27 8.09 4.58 -14.04
N SER A 28 9.06 5.00 -13.23
CA SER A 28 8.78 6.04 -12.24
C SER A 28 9.62 7.30 -12.43
N GLY A 29 9.02 8.44 -12.13
CA GLY A 29 9.72 9.72 -12.14
C GLY A 29 9.66 10.45 -10.82
N ALA A 30 10.00 11.73 -10.84
CA ALA A 30 10.15 12.53 -9.62
C ALA A 30 8.90 12.55 -8.74
N GLY A 31 7.73 12.46 -9.38
CA GLY A 31 6.46 12.55 -8.68
C GLY A 31 6.28 11.48 -7.61
N VAL A 32 6.79 10.28 -7.86
CA VAL A 32 6.60 9.19 -6.91
C VAL A 32 7.39 9.41 -5.64
N SER A 33 8.39 10.30 -5.70
CA SER A 33 9.20 10.58 -4.53
C SER A 33 8.97 11.97 -3.98
N ALA A 34 8.43 12.87 -4.80
CA ALA A 34 8.01 14.17 -4.33
C ALA A 34 6.97 14.02 -3.22
N GLU A 35 6.30 12.88 -3.20
CA GLU A 35 5.33 12.55 -2.15
C GLU A 35 6.02 12.08 -0.88
N SER A 36 7.36 12.00 -0.90
CA SER A 36 8.12 11.63 0.29
C SER A 36 8.77 12.86 0.91
N GLY A 37 8.42 14.04 0.39
CA GLY A 37 9.03 15.28 0.84
C GLY A 37 10.31 15.57 0.09
N VAL A 38 10.47 14.90 -1.05
CA VAL A 38 11.67 15.04 -1.88
C VAL A 38 11.57 16.21 -2.84
N PRO A 39 12.49 17.18 -2.71
CA PRO A 39 12.46 18.37 -3.56
C PRO A 39 12.82 18.03 -5.00
N THR A 40 11.82 18.04 -5.89
CA THR A 40 12.08 17.93 -7.32
C THR A 40 12.60 19.27 -7.84
N PHE A 41 13.22 19.26 -9.02
CA PHE A 41 13.81 20.48 -9.56
C PHE A 41 13.66 20.55 -11.08
N GLY A 46 10.17 24.14 -8.80
CA GLY A 46 11.34 23.35 -8.46
C GLY A 46 12.65 24.07 -8.77
N TYR A 47 13.11 24.89 -7.83
CA TYR A 47 14.33 25.66 -8.03
C TYR A 47 15.33 25.49 -6.90
N TRP A 48 16.60 25.28 -7.24
CA TRP A 48 17.67 25.34 -6.24
C TRP A 48 18.48 26.60 -6.50
N ARG A 49 18.38 27.54 -5.56
CA ARG A 49 18.83 28.91 -5.79
C ARG A 49 18.18 29.40 -7.08
N LYS A 50 18.94 29.90 -8.06
CA LYS A 50 18.24 30.42 -9.23
C LYS A 50 18.12 29.40 -10.37
N TRP A 51 18.61 28.20 -10.13
CA TRP A 51 18.69 27.18 -11.20
C TRP A 51 17.76 25.99 -11.02
N GLN A 52 17.35 25.42 -12.16
CA GLN A 52 16.66 24.14 -12.17
C GLN A 52 17.66 23.02 -12.46
N ALA A 53 17.24 21.78 -12.22
CA ALA A 53 18.12 20.62 -12.36
C ALA A 53 18.81 20.55 -13.72
N GLN A 54 18.09 20.86 -14.80
CA GLN A 54 18.64 20.74 -16.14
C GLN A 54 19.80 21.71 -16.39
N ASP A 55 19.90 22.77 -15.60
CA ASP A 55 21.01 23.71 -15.76
C ASP A 55 22.24 23.29 -14.95
N LEU A 56 22.03 22.42 -13.97
CA LEU A 56 23.13 22.00 -13.12
C LEU A 56 23.56 20.57 -13.42
N ALA A 57 22.61 19.73 -13.82
CA ALA A 57 22.92 18.35 -14.17
C ALA A 57 23.48 18.28 -15.59
N THR A 58 24.66 18.85 -15.77
CA THR A 58 25.29 18.97 -17.09
C THR A 58 26.81 18.96 -16.96
N PRO A 59 27.51 18.22 -17.84
CA PRO A 59 28.98 18.21 -17.76
C PRO A 59 29.62 19.60 -17.96
N LEU A 60 28.95 20.49 -18.69
CA LEU A 60 29.43 21.86 -18.87
C LEU A 60 29.37 22.66 -17.56
N ALA A 61 28.27 22.53 -16.82
CA ALA A 61 28.17 23.16 -15.50
C ALA A 61 29.31 22.67 -14.62
N PHE A 62 29.51 21.35 -14.62
CA PHE A 62 30.55 20.75 -13.82
C PHE A 62 31.96 21.14 -14.26
N ALA A 63 32.15 21.33 -15.56
CA ALA A 63 33.47 21.67 -16.07
C ALA A 63 33.85 23.09 -15.69
N HIS A 64 32.85 23.97 -15.57
CA HIS A 64 33.14 25.40 -15.42
C HIS A 64 32.82 25.98 -14.06
N ASN A 65 32.09 25.21 -13.26
CA ASN A 65 31.81 25.55 -11.88
C ASN A 65 31.50 24.27 -11.11
N PRO A 66 32.53 23.42 -10.90
CA PRO A 66 32.30 22.13 -10.24
C PRO A 66 31.85 22.30 -8.79
N SER A 67 32.26 23.38 -8.14
CA SER A 67 31.85 23.62 -6.76
C SER A 67 30.36 23.87 -6.65
N ARG A 68 29.82 24.66 -7.57
CA ARG A 68 28.38 24.90 -7.60
C ARG A 68 27.62 23.60 -7.82
N VAL A 69 28.08 22.79 -8.76
CA VAL A 69 27.44 21.51 -9.04
C VAL A 69 27.50 20.62 -7.80
N TRP A 70 28.63 20.60 -7.13
CA TRP A 70 28.75 19.75 -5.94
C TRP A 70 27.88 20.24 -4.77
N GLU A 71 27.71 21.55 -4.65
CA GLU A 71 26.81 22.11 -3.65
C GLU A 71 25.41 21.60 -3.89
N PHE A 72 24.99 21.63 -5.16
CA PHE A 72 23.67 21.17 -5.56
C PHE A 72 23.49 19.72 -5.16
N TYR A 73 24.44 18.88 -5.57
CA TYR A 73 24.34 17.48 -5.23
C TYR A 73 24.52 17.23 -3.73
N HIS A 74 25.35 18.02 -3.06
CA HIS A 74 25.49 17.85 -1.61
C HIS A 74 24.16 18.10 -0.91
N TYR A 75 23.50 19.21 -1.25
CA TYR A 75 22.20 19.53 -0.65
C TYR A 75 21.23 18.37 -0.81
N ARG A 76 21.14 17.81 -2.01
CA ARG A 76 20.18 16.75 -2.28
C ARG A 76 20.49 15.48 -1.50
N ARG A 77 21.78 15.16 -1.38
CA ARG A 77 22.21 13.98 -0.64
C ARG A 77 21.80 14.09 0.81
N GLU A 78 22.03 15.25 1.41
CA GLU A 78 21.78 15.45 2.85
C GLU A 78 20.29 15.47 3.13
N VAL A 79 19.53 16.15 2.28
CA VAL A 79 18.08 16.16 2.40
C VAL A 79 17.48 14.76 2.28
N MET A 80 18.02 13.98 1.33
CA MET A 80 17.43 12.68 0.99
C MET A 80 17.61 11.63 2.06
N GLY A 81 18.80 11.57 2.65
CA GLY A 81 19.12 10.56 3.64
C GLY A 81 18.04 10.33 4.69
N SER A 82 17.42 11.42 5.14
CA SER A 82 16.40 11.34 6.19
C SER A 82 14.99 11.22 5.63
N LYS A 83 14.88 10.96 4.33
CA LYS A 83 13.56 10.75 3.72
C LYS A 83 13.25 9.26 3.70
N GLU A 84 11.99 8.91 3.89
CA GLU A 84 11.59 7.51 3.95
C GLU A 84 10.68 7.16 2.76
N PRO A 85 10.63 5.87 2.39
CA PRO A 85 9.72 5.46 1.29
C PRO A 85 8.26 5.77 1.65
N ASN A 86 7.43 6.04 0.66
CA ASN A 86 6.02 6.34 0.94
C ASN A 86 5.10 5.18 0.51
N ALA A 87 3.79 5.39 0.62
CA ALA A 87 2.83 4.34 0.28
C ALA A 87 3.00 3.87 -1.16
N GLY A 88 3.40 4.78 -2.04
CA GLY A 88 3.59 4.45 -3.44
C GLY A 88 4.78 3.52 -3.64
N HIS A 89 5.93 3.91 -3.08
CA HIS A 89 7.12 3.07 -3.11
C HIS A 89 6.81 1.69 -2.52
N ARG A 90 6.13 1.71 -1.38
CA ARG A 90 5.79 0.47 -0.67
C ARG A 90 4.88 -0.43 -1.49
N ALA A 91 3.88 0.17 -2.14
CA ALA A 91 2.95 -0.61 -2.93
C ALA A 91 3.67 -1.29 -4.08
N ILE A 92 4.59 -0.57 -4.69
CA ILE A 92 5.41 -1.11 -5.77
C ILE A 92 6.29 -2.26 -5.28
N ALA A 93 6.94 -2.08 -4.13
CA ALA A 93 7.80 -3.11 -3.57
C ALA A 93 7.02 -4.37 -3.22
N GLU A 94 5.89 -4.18 -2.54
CA GLU A 94 5.13 -5.32 -2.04
C GLU A 94 4.46 -6.05 -3.18
N CYS A 95 4.04 -5.30 -4.19
CA CYS A 95 3.51 -5.89 -5.41
C CYS A 95 4.52 -6.85 -6.01
N GLU A 96 5.78 -6.40 -6.13
CA GLU A 96 6.85 -7.21 -6.69
C GLU A 96 7.04 -8.49 -5.87
N THR A 97 7.24 -8.32 -4.57
CA THR A 97 7.44 -9.46 -3.67
C THR A 97 6.31 -10.50 -3.78
N ARG A 98 5.07 -10.03 -3.78
CA ARG A 98 3.92 -10.92 -3.81
C ARG A 98 3.86 -11.67 -5.14
N LEU A 99 4.05 -10.95 -6.23
CA LEU A 99 3.98 -11.55 -7.55
C LEU A 99 5.12 -12.53 -7.82
N GLY A 100 6.30 -12.23 -7.28
CA GLY A 100 7.43 -13.14 -7.39
C GLY A 100 7.12 -14.55 -6.89
N LYS A 101 6.28 -14.66 -5.86
CA LYS A 101 5.93 -15.95 -5.33
C LYS A 101 4.88 -16.66 -6.17
N GLN A 102 4.27 -15.91 -7.09
CA GLN A 102 3.30 -16.48 -8.02
C GLN A 102 4.00 -16.78 -9.35
N GLY A 103 5.32 -16.55 -9.39
CA GLY A 103 6.10 -16.73 -10.59
C GLY A 103 5.90 -15.60 -11.61
N ARG A 104 5.43 -14.45 -11.12
CA ARG A 104 5.15 -13.31 -11.98
C ARG A 104 6.18 -12.21 -11.72
N ARG A 105 6.64 -11.59 -12.80
CA ARG A 105 7.74 -10.63 -12.73
C ARG A 105 7.27 -9.18 -12.69
N VAL A 106 7.82 -8.42 -11.76
CA VAL A 106 7.60 -7.00 -11.67
C VAL A 106 8.95 -6.30 -11.66
N VAL A 107 9.14 -5.32 -12.54
CA VAL A 107 10.43 -4.65 -12.63
C VAL A 107 10.24 -3.14 -12.58
N VAL A 108 11.09 -2.46 -11.82
CA VAL A 108 11.03 -1.01 -11.73
C VAL A 108 12.15 -0.36 -12.52
N ILE A 109 11.79 0.45 -13.50
CA ILE A 109 12.71 1.29 -14.24
C ILE A 109 12.49 2.72 -13.76
N THR A 110 13.47 3.26 -13.03
CA THR A 110 13.30 4.56 -12.41
C THR A 110 14.26 5.65 -12.95
N GLN A 111 13.71 6.84 -13.20
CA GLN A 111 14.51 7.98 -13.60
C GLN A 111 15.09 8.65 -12.34
N ASN A 112 14.60 8.22 -11.18
CA ASN A 112 15.01 8.80 -9.90
C ASN A 112 16.37 8.33 -9.44
N ILE A 113 17.10 9.23 -8.79
CA ILE A 113 18.41 8.87 -8.27
C ILE A 113 18.38 8.86 -6.73
N ASP A 114 17.19 8.90 -6.15
CA ASP A 114 17.07 9.00 -4.69
C ASP A 114 17.20 7.67 -3.94
N GLU A 115 17.23 6.56 -4.68
CA GLU A 115 17.26 5.21 -4.09
C GLU A 115 16.11 4.90 -3.14
N LEU A 116 15.01 5.63 -3.25
CA LEU A 116 13.89 5.37 -2.35
C LEU A 116 13.20 4.05 -2.69
N HIS A 117 13.29 3.63 -3.95
CA HIS A 117 12.78 2.32 -4.35
C HIS A 117 13.60 1.23 -3.69
N ARG A 118 14.90 1.44 -3.60
CA ARG A 118 15.79 0.50 -2.94
C ARG A 118 15.43 0.39 -1.47
N LYS A 119 15.17 1.52 -0.83
CA LYS A 119 14.81 1.52 0.58
C LYS A 119 13.47 0.84 0.83
N ALA A 120 12.55 0.92 -0.13
CA ALA A 120 11.24 0.29 0.07
C ALA A 120 11.34 -1.22 -0.07
N GLY A 121 12.41 -1.70 -0.69
CA GLY A 121 12.62 -3.14 -0.80
C GLY A 121 12.52 -3.69 -2.20
N THR A 122 12.43 -2.82 -3.18
CA THR A 122 12.41 -3.24 -4.57
C THR A 122 13.70 -3.97 -4.95
N LYS A 123 13.56 -5.11 -5.65
CA LYS A 123 14.70 -5.95 -5.99
C LYS A 123 15.06 -5.80 -7.47
N ASN A 124 14.04 -5.88 -8.31
CA ASN A 124 14.25 -5.73 -9.75
C ASN A 124 14.21 -4.26 -10.14
N LEU A 125 15.35 -3.59 -9.95
CA LEU A 125 15.43 -2.14 -10.06
C LEU A 125 16.47 -1.75 -11.09
N LEU A 126 16.05 -0.95 -12.06
CA LEU A 126 16.97 -0.36 -13.01
C LEU A 126 17.05 1.14 -12.75
N GLU A 127 18.19 1.57 -12.19
CA GLU A 127 18.40 2.98 -11.94
C GLU A 127 19.10 3.64 -13.13
N ILE A 128 18.32 4.12 -14.08
CA ILE A 128 18.86 4.51 -15.39
C ILE A 128 19.63 5.82 -15.43
N HIS A 129 19.52 6.61 -14.35
CA HIS A 129 20.24 7.87 -14.28
C HIS A 129 21.28 7.86 -13.17
N GLY A 130 21.54 6.69 -12.60
CA GLY A 130 22.56 6.55 -11.58
C GLY A 130 22.02 6.83 -10.20
N SER A 131 22.90 7.26 -9.29
CA SER A 131 22.49 7.45 -7.91
C SER A 131 23.14 8.67 -7.24
N LEU A 132 22.34 9.35 -6.44
CA LEU A 132 22.82 10.44 -5.59
C LEU A 132 23.92 9.95 -4.67
N PHE A 133 23.88 8.67 -4.32
CA PHE A 133 24.82 8.12 -3.34
C PHE A 133 25.91 7.24 -3.94
N LYS A 134 26.32 7.61 -5.15
CA LYS A 134 27.47 6.98 -5.79
C LYS A 134 28.34 8.07 -6.38
N THR A 135 29.66 7.83 -6.39
CA THR A 135 30.61 8.74 -7.03
C THR A 135 31.29 8.06 -8.19
N ARG A 136 31.79 8.86 -9.14
CA ARG A 136 32.68 8.34 -10.17
C ARG A 136 33.90 9.26 -10.28
N CYS A 137 35.09 8.67 -10.30
CA CYS A 137 36.30 9.48 -10.41
C CYS A 137 36.53 9.92 -11.86
N THR A 138 36.72 11.22 -12.07
CA THR A 138 36.92 11.76 -13.41
C THR A 138 38.30 11.37 -13.97
N SER A 139 39.15 10.80 -13.13
CA SER A 139 40.48 10.35 -13.57
C SER A 139 40.56 8.83 -13.81
N CYS A 140 40.35 8.05 -12.76
CA CYS A 140 40.44 6.58 -12.75
C CYS A 140 39.15 5.89 -13.20
N GLY A 141 38.04 6.62 -13.20
CA GLY A 141 36.77 6.08 -13.66
C GLY A 141 36.05 5.16 -12.69
N VAL A 142 36.67 4.88 -11.54
CA VAL A 142 36.09 3.99 -10.54
C VAL A 142 34.75 4.49 -9.97
N VAL A 143 33.79 3.59 -9.86
CA VAL A 143 32.48 3.89 -9.29
C VAL A 143 32.44 3.36 -7.87
N ALA A 144 31.92 4.16 -6.94
CA ALA A 144 31.89 3.75 -5.54
C ALA A 144 30.63 4.25 -4.82
N GLU A 145 30.12 3.43 -3.90
CA GLU A 145 29.02 3.88 -3.04
C GLU A 145 29.53 4.93 -2.06
N ASN A 146 28.71 5.93 -1.79
CA ASN A 146 29.09 6.98 -0.85
C ASN A 146 27.87 7.60 -0.18
N TYR A 147 27.70 7.28 1.10
CA TYR A 147 26.58 7.82 1.88
C TYR A 147 27.11 8.75 2.98
N LYS A 148 28.38 9.10 2.90
CA LYS A 148 29.02 9.93 3.94
C LYS A 148 28.39 11.32 4.09
N SER A 149 28.22 11.76 5.34
CA SER A 149 27.57 13.03 5.62
C SER A 149 28.46 13.89 6.52
N PRO A 150 29.09 14.94 5.96
CA PRO A 150 29.03 15.38 4.56
C PRO A 150 30.06 14.63 3.72
N ILE A 151 29.88 14.60 2.40
CA ILE A 151 30.78 13.84 1.54
C ILE A 151 32.26 14.27 1.66
N CYS A 152 32.49 15.57 1.89
CA CYS A 152 33.82 16.07 2.21
C CYS A 152 33.69 17.24 3.17
N PRO A 153 34.72 17.49 3.99
CA PRO A 153 34.73 18.57 4.98
C PRO A 153 34.36 19.96 4.44
N ALA A 154 34.82 20.31 3.25
CA ALA A 154 34.56 21.65 2.72
C ALA A 154 33.09 21.88 2.43
N LEU A 155 32.32 20.82 2.24
CA LEU A 155 30.90 20.96 1.93
C LEU A 155 30.02 21.02 3.20
N SER A 156 30.64 20.88 4.37
CA SER A 156 29.90 20.89 5.63
C SER A 156 29.08 22.18 5.80
N GLY A 157 27.76 22.05 5.92
CA GLY A 157 26.88 23.19 6.07
C GLY A 157 26.62 23.98 4.79
N LYS A 158 27.06 23.48 3.64
CA LYS A 158 26.86 24.18 2.39
C LYS A 158 25.69 23.60 1.61
N GLY A 159 25.41 24.17 0.44
CA GLY A 159 24.31 23.69 -0.38
C GLY A 159 22.96 24.30 -0.05
N ALA A 160 22.93 25.31 0.82
CA ALA A 160 21.68 26.00 1.15
C ALA A 160 20.95 26.37 -0.15
N PRO A 161 19.63 26.12 -0.18
CA PRO A 161 18.87 26.18 -1.43
C PRO A 161 18.17 27.53 -1.70
N GLU A 162 18.18 28.43 -0.73
CA GLU A 162 17.46 29.69 -0.87
C GLU A 162 18.10 30.61 -1.92
N PRO A 163 17.29 31.15 -2.83
CA PRO A 163 17.76 32.18 -3.76
C PRO A 163 18.38 33.31 -2.96
N GLY A 164 19.57 33.73 -3.38
CA GLY A 164 20.30 34.76 -2.66
C GLY A 164 21.51 34.20 -1.96
N THR A 165 21.49 32.89 -1.69
CA THR A 165 22.63 32.21 -1.08
C THR A 165 23.85 32.31 -1.99
N GLN A 166 24.98 32.68 -1.38
CA GLN A 166 26.25 32.89 -2.08
C GLN A 166 26.90 31.54 -2.40
N ASP A 167 27.57 31.44 -3.53
CA ASP A 167 28.29 30.21 -3.87
C ASP A 167 29.38 29.92 -2.86
N ALA A 168 29.55 28.65 -2.50
CA ALA A 168 30.60 28.28 -1.57
C ALA A 168 31.98 28.52 -2.19
N SER A 169 32.06 28.44 -3.51
CA SER A 169 33.32 28.58 -4.24
C SER A 169 34.48 27.78 -3.65
N ILE A 170 34.24 26.47 -3.47
CA ILE A 170 35.25 25.60 -2.91
C ILE A 170 36.32 25.30 -3.96
N PRO A 171 37.60 25.52 -3.61
CA PRO A 171 38.70 25.20 -4.54
C PRO A 171 38.62 23.74 -4.94
N VAL A 172 39.01 23.43 -6.18
CA VAL A 172 38.76 22.10 -6.72
C VAL A 172 39.46 21.00 -5.91
N GLU A 173 40.62 21.33 -5.35
CA GLU A 173 41.39 20.38 -4.54
C GLU A 173 40.62 19.92 -3.30
N LYS A 174 39.68 20.74 -2.84
CA LYS A 174 38.97 20.47 -1.60
C LYS A 174 37.57 19.91 -1.82
N LEU A 175 37.20 19.73 -3.08
CA LEU A 175 35.99 19.01 -3.43
C LEU A 175 36.28 17.53 -3.21
N PRO A 176 35.25 16.66 -3.25
CA PRO A 176 35.54 15.25 -2.96
C PRO A 176 36.60 14.69 -3.90
N ARG A 177 37.55 13.96 -3.33
CA ARG A 177 38.66 13.44 -4.10
C ARG A 177 38.71 11.94 -3.92
N CYS A 178 39.23 11.26 -4.93
CA CYS A 178 39.31 9.81 -4.92
C CYS A 178 40.33 9.28 -3.90
N GLU A 179 39.96 8.22 -3.19
CA GLU A 179 40.82 7.64 -2.17
C GLU A 179 41.32 6.27 -2.60
N GLU A 180 41.27 6.00 -3.90
CA GLU A 180 41.64 4.68 -4.44
C GLU A 180 43.05 4.68 -5.02
N ALA A 181 43.92 3.87 -4.44
CA ALA A 181 45.31 3.72 -4.91
C ALA A 181 46.06 5.03 -5.01
N GLY A 182 45.73 5.96 -4.11
CA GLY A 182 46.35 7.27 -4.11
C GLY A 182 46.08 8.06 -5.37
N CYS A 183 44.89 7.90 -5.96
CA CYS A 183 44.56 8.58 -7.21
C CYS A 183 44.50 10.10 -7.08
N GLY A 184 43.64 10.60 -6.20
CA GLY A 184 43.57 12.03 -5.94
C GLY A 184 42.71 12.78 -6.94
N GLY A 185 42.12 12.04 -7.86
CA GLY A 185 41.27 12.62 -8.89
C GLY A 185 40.01 13.25 -8.37
N LEU A 186 39.50 14.22 -9.11
CA LEU A 186 38.25 14.89 -8.77
C LEU A 186 37.06 13.96 -8.98
N LEU A 187 36.27 13.77 -7.92
CA LEU A 187 35.09 12.94 -8.01
C LEU A 187 33.92 13.73 -8.55
N ARG A 188 33.03 13.04 -9.25
CA ARG A 188 31.77 13.64 -9.66
C ARG A 188 30.65 12.74 -9.21
N PRO A 189 29.42 13.28 -9.11
CA PRO A 189 28.28 12.39 -8.86
C PRO A 189 28.22 11.32 -9.95
N HIS A 190 27.92 10.08 -9.58
CA HIS A 190 27.68 9.03 -10.56
C HIS A 190 26.22 9.14 -10.96
N VAL A 191 25.91 10.20 -11.70
CA VAL A 191 24.56 10.50 -12.16
C VAL A 191 24.65 10.79 -13.65
N VAL A 192 23.71 10.28 -14.44
CA VAL A 192 23.71 10.63 -15.86
C VAL A 192 23.18 12.06 -16.02
N TRP A 193 23.99 12.93 -16.62
CA TRP A 193 23.62 14.33 -16.82
C TRP A 193 23.10 14.57 -18.22
N PHE A 194 22.33 15.65 -18.39
CA PHE A 194 21.88 16.06 -19.72
C PHE A 194 23.08 16.32 -20.63
N GLY A 195 23.06 15.70 -21.81
CA GLY A 195 24.18 15.76 -22.74
C GLY A 195 25.03 14.50 -22.72
N GLU A 196 24.73 13.60 -21.80
CA GLU A 196 25.53 12.38 -21.62
C GLU A 196 24.70 11.15 -22.00
N ASN A 197 25.37 10.03 -22.30
CA ASN A 197 24.67 8.80 -22.66
C ASN A 197 24.33 7.96 -21.44
N LEU A 198 23.16 7.31 -21.48
CA LEU A 198 22.81 6.35 -20.45
C LEU A 198 23.72 5.14 -20.63
N ASP A 199 23.87 4.33 -19.58
CA ASP A 199 24.76 3.17 -19.64
C ASP A 199 24.19 2.15 -20.63
N PRO A 200 25.00 1.78 -21.65
CA PRO A 200 24.57 0.88 -22.72
C PRO A 200 24.07 -0.46 -22.16
N ALA A 201 24.79 -0.99 -21.17
CA ALA A 201 24.36 -2.24 -20.54
C ALA A 201 23.00 -2.11 -19.86
N ILE A 202 22.75 -0.98 -19.21
CA ILE A 202 21.45 -0.76 -18.57
C ILE A 202 20.37 -0.65 -19.64
N LEU A 203 20.70 0.00 -20.74
CA LEU A 203 19.76 0.18 -21.84
C LEU A 203 19.34 -1.14 -22.50
N GLU A 204 20.27 -2.06 -22.68
CA GLU A 204 19.93 -3.38 -23.22
C GLU A 204 18.97 -4.10 -22.29
N GLU A 205 19.19 -3.98 -20.98
CA GLU A 205 18.31 -4.59 -19.98
CA GLU A 205 18.31 -4.63 -20.02
C GLU A 205 16.93 -3.96 -20.04
N VAL A 206 16.90 -2.63 -20.12
CA VAL A 206 15.66 -1.89 -20.23
C VAL A 206 14.86 -2.39 -21.44
N ASP A 207 15.52 -2.42 -22.60
CA ASP A 207 14.91 -2.90 -23.85
C ASP A 207 14.37 -4.32 -23.73
N ARG A 208 15.08 -5.15 -22.98
CA ARG A 208 14.66 -6.55 -22.79
C ARG A 208 13.32 -6.63 -22.06
N GLU A 209 13.16 -5.81 -21.03
CA GLU A 209 11.92 -5.79 -20.23
C GLU A 209 10.75 -5.20 -21.01
N LEU A 210 11.04 -4.13 -21.75
CA LEU A 210 10.02 -3.43 -22.53
C LEU A 210 9.51 -4.31 -23.68
N ALA A 211 10.42 -5.05 -24.29
CA ALA A 211 10.11 -5.89 -25.45
C ALA A 211 9.27 -7.11 -25.09
N HIS A 212 9.15 -7.41 -23.80
CA HIS A 212 8.50 -8.64 -23.40
C HIS A 212 7.43 -8.49 -22.31
N CYS A 213 7.18 -7.26 -21.85
CA CYS A 213 6.17 -7.09 -20.81
C CYS A 213 4.77 -7.18 -21.41
N ASP A 214 3.79 -7.44 -20.55
CA ASP A 214 2.38 -7.50 -20.97
C ASP A 214 1.57 -6.45 -20.22
N LEU A 215 2.24 -5.71 -19.35
CA LEU A 215 1.60 -4.58 -18.68
C LEU A 215 2.62 -3.53 -18.25
N CYS A 216 2.28 -2.28 -18.47
CA CYS A 216 3.19 -1.19 -18.14
C CYS A 216 2.50 -0.12 -17.31
N LEU A 217 3.19 0.35 -16.27
CA LEU A 217 2.72 1.49 -15.51
C LEU A 217 3.78 2.58 -15.61
N VAL A 218 3.35 3.77 -15.98
CA VAL A 218 4.26 4.92 -15.99
C VAL A 218 3.82 5.86 -14.87
N VAL A 219 4.70 6.06 -13.91
CA VAL A 219 4.30 6.59 -12.61
C VAL A 219 5.03 7.86 -12.23
N GLY A 220 4.26 8.93 -12.04
CA GLY A 220 4.81 10.20 -11.59
C GLY A 220 5.97 10.73 -12.39
N THR A 221 5.95 10.55 -13.71
CA THR A 221 6.99 11.14 -14.54
C THR A 221 6.44 12.09 -15.60
N SER A 222 7.13 13.21 -15.78
CA SER A 222 6.70 14.26 -16.70
C SER A 222 6.87 13.84 -18.16
N SER A 223 7.72 12.84 -18.38
CA SER A 223 8.01 12.31 -19.72
C SER A 223 8.52 13.40 -20.67
N VAL A 224 9.40 14.26 -20.16
CA VAL A 224 10.03 15.28 -20.98
C VAL A 224 11.53 15.08 -21.01
N VAL A 225 12.00 14.12 -20.22
CA VAL A 225 13.40 13.72 -20.24
C VAL A 225 13.58 12.53 -21.17
N TYR A 226 14.46 12.67 -22.17
CA TYR A 226 14.70 11.58 -23.11
C TYR A 226 15.97 10.81 -22.76
N PRO A 227 16.06 9.53 -23.15
CA PRO A 227 15.07 8.70 -23.86
C PRO A 227 14.05 8.03 -22.94
N ALA A 228 14.09 8.28 -21.64
CA ALA A 228 13.16 7.61 -20.73
C ALA A 228 11.71 7.85 -21.15
N ALA A 229 11.44 9.05 -21.63
CA ALA A 229 10.11 9.47 -22.06
C ALA A 229 9.52 8.61 -23.17
N MET A 230 10.39 7.95 -23.94
CA MET A 230 9.93 7.10 -25.04
C MET A 230 9.69 5.65 -24.62
N PHE A 231 10.03 5.29 -23.38
CA PHE A 231 9.91 3.90 -22.93
C PHE A 231 8.47 3.38 -22.97
N ALA A 232 7.56 4.03 -22.24
CA ALA A 232 6.16 3.59 -22.23
C ALA A 232 5.45 3.65 -23.60
N PRO A 233 5.67 4.72 -24.39
CA PRO A 233 5.02 4.72 -25.70
C PRO A 233 5.47 3.54 -26.55
N GLN A 234 6.71 3.09 -26.35
CA GLN A 234 7.22 1.94 -27.08
C GLN A 234 6.40 0.68 -26.73
N VAL A 235 6.21 0.45 -25.44
CA VAL A 235 5.38 -0.64 -24.98
C VAL A 235 3.99 -0.46 -25.54
N ALA A 236 3.47 0.75 -25.42
CA ALA A 236 2.12 1.04 -25.88
C ALA A 236 1.95 0.79 -27.37
N ALA A 237 3.00 1.07 -28.15
CA ALA A 237 2.94 0.88 -29.59
C ALA A 237 2.87 -0.58 -30.00
N ARG A 238 3.12 -1.48 -29.05
CA ARG A 238 2.90 -2.91 -29.25
C ARG A 238 1.46 -3.30 -28.99
N GLY A 239 0.65 -2.34 -28.54
CA GLY A 239 -0.73 -2.62 -28.19
C GLY A 239 -0.88 -3.04 -26.74
N VAL A 240 0.25 -3.33 -26.11
CA VAL A 240 0.28 -3.62 -24.67
C VAL A 240 -0.26 -2.42 -23.90
N PRO A 241 -1.21 -2.66 -22.97
CA PRO A 241 -1.88 -1.58 -22.23
C PRO A 241 -0.91 -0.80 -21.35
N VAL A 242 -1.05 0.52 -21.31
CA VAL A 242 -0.19 1.36 -20.48
C VAL A 242 -1.05 2.28 -19.60
N ALA A 243 -0.72 2.31 -18.31
CA ALA A 243 -1.49 3.10 -17.35
C ALA A 243 -0.67 4.23 -16.77
N GLU A 244 -1.21 5.44 -16.82
CA GLU A 244 -0.48 6.60 -16.35
C GLU A 244 -1.01 7.14 -15.02
N PHE A 245 -0.14 7.19 -14.01
CA PHE A 245 -0.52 7.74 -12.71
C PHE A 245 0.20 9.06 -12.48
N ASN A 246 -0.57 10.15 -12.40
CA ASN A 246 0.01 11.47 -12.29
C ASN A 246 -0.95 12.49 -11.69
N THR A 247 -0.43 13.62 -11.26
CA THR A 247 -1.27 14.71 -10.79
C THR A 247 -1.79 15.53 -11.99
N GLU A 248 -1.47 15.07 -13.20
CA GLU A 248 -1.86 15.74 -14.44
C GLU A 248 -1.71 14.84 -15.66
N THR A 249 -1.98 15.39 -16.84
CA THR A 249 -1.76 14.69 -18.10
C THR A 249 -0.36 15.00 -18.66
N THR A 250 0.13 14.17 -19.58
CA THR A 250 1.48 14.31 -20.15
C THR A 250 1.46 14.33 -21.69
N PRO A 251 2.58 14.69 -22.34
CA PRO A 251 2.64 14.61 -23.80
C PRO A 251 2.49 13.18 -24.34
N ALA A 252 2.76 12.19 -23.49
CA ALA A 252 2.65 10.80 -23.89
C ALA A 252 1.30 10.18 -23.48
N THR A 253 0.55 10.90 -22.66
CA THR A 253 -0.73 10.43 -22.08
C THR A 253 -1.73 9.84 -23.08
N ASN A 254 -1.99 10.57 -24.16
CA ASN A 254 -3.05 10.19 -25.09
C ASN A 254 -2.71 8.94 -25.91
N ARG A 255 -1.43 8.56 -25.92
CA ARG A 255 -1.04 7.27 -26.47
CA ARG A 255 -1.02 7.28 -26.46
C ARG A 255 -1.56 6.18 -25.56
N PHE A 256 -1.66 6.51 -24.28
CA PHE A 256 -1.95 5.51 -23.24
C PHE A 256 -3.41 5.20 -23.00
N ARG A 257 -3.62 4.01 -22.47
CA ARG A 257 -4.94 3.47 -22.21
C ARG A 257 -5.63 4.16 -21.04
N PHE A 258 -4.90 4.32 -19.95
CA PHE A 258 -5.50 4.86 -18.74
C PHE A 258 -4.80 6.12 -18.25
N HIS A 259 -5.58 7.01 -17.63
CA HIS A 259 -5.00 8.09 -16.84
C HIS A 259 -5.68 8.16 -15.49
N PHE A 260 -4.89 7.97 -14.43
CA PHE A 260 -5.43 8.05 -13.08
C PHE A 260 -4.89 9.30 -12.37
N GLN A 261 -5.74 10.31 -12.24
CA GLN A 261 -5.35 11.58 -11.65
C GLN A 261 -5.27 11.53 -10.13
N GLY A 262 -4.23 12.13 -9.57
CA GLY A 262 -4.07 12.21 -8.14
C GLY A 262 -2.72 11.69 -7.68
N PRO A 263 -2.40 11.90 -6.39
CA PRO A 263 -1.15 11.40 -5.79
C PRO A 263 -0.99 9.90 -5.96
N CYS A 264 0.21 9.47 -6.37
CA CYS A 264 0.52 8.05 -6.54
C CYS A 264 0.42 7.27 -5.23
N GLY A 265 0.52 7.98 -4.11
CA GLY A 265 0.36 7.35 -2.80
C GLY A 265 -1.06 6.89 -2.55
N THR A 266 -2.00 7.46 -3.29
CA THR A 266 -3.41 7.09 -3.16
C THR A 266 -3.80 6.09 -4.23
N THR A 267 -3.34 6.33 -5.44
CA THR A 267 -3.82 5.61 -6.61
C THR A 267 -3.12 4.27 -6.80
N LEU A 268 -1.82 4.23 -6.50
CA LEU A 268 -1.06 2.99 -6.66
C LEU A 268 -1.44 1.87 -5.69
N PRO A 269 -1.52 2.15 -4.37
CA PRO A 269 -1.89 1.04 -3.46
C PRO A 269 -3.19 0.39 -3.87
N GLU A 270 -4.16 1.20 -4.31
CA GLU A 270 -5.42 0.68 -4.82
C GLU A 270 -5.18 -0.19 -6.06
N ALA A 271 -4.50 0.38 -7.06
CA ALA A 271 -4.29 -0.29 -8.33
C ALA A 271 -3.47 -1.57 -8.21
N LEU A 272 -2.51 -1.59 -7.29
CA LEU A 272 -1.64 -2.75 -7.12
C LEU A 272 -2.05 -3.68 -5.97
N ALA A 273 -3.29 -3.52 -5.51
CA ALA A 273 -3.79 -4.33 -4.40
C ALA A 273 -3.92 -5.82 -4.76
N PHE B 3 -11.62 16.62 30.23
CA PHE B 3 -11.41 17.67 29.25
C PHE B 3 -12.14 17.41 27.93
N THR B 4 -12.58 18.48 27.28
CA THR B 4 -13.13 18.40 25.93
C THR B 4 -11.98 18.23 24.95
N ALA B 5 -12.06 17.19 24.13
CA ALA B 5 -11.00 16.90 23.18
C ALA B 5 -11.56 16.61 21.79
N ARG B 6 -10.78 16.98 20.79
CA ARG B 6 -10.94 16.42 19.46
C ARG B 6 -9.61 15.72 19.20
N PRO B 7 -9.64 14.56 18.56
CA PRO B 7 -8.37 13.86 18.36
C PRO B 7 -7.43 14.66 17.46
N SER B 8 -6.14 14.35 17.53
CA SER B 8 -5.18 14.98 16.64
C SER B 8 -5.41 14.47 15.22
N SER B 9 -5.08 15.30 14.24
CA SER B 9 -5.13 14.90 12.85
C SER B 9 -3.70 14.91 12.31
N SER B 10 -2.73 14.95 13.23
CA SER B 10 -1.32 15.03 12.87
C SER B 10 -0.76 13.67 12.46
N MET B 11 -0.69 13.42 11.17
CA MET B 11 -0.15 12.16 10.66
C MET B 11 1.31 12.01 11.06
N ALA B 12 1.99 13.14 11.22
CA ALA B 12 3.41 13.12 11.58
C ALA B 12 3.61 12.60 13.00
N ASP B 13 2.81 13.12 13.93
CA ASP B 13 2.94 12.73 15.33
C ASP B 13 2.59 11.26 15.56
N PHE B 14 1.65 10.74 14.76
CA PHE B 14 1.30 9.33 14.82
C PHE B 14 2.45 8.45 14.37
N ARG B 15 3.14 8.89 13.32
CA ARG B 15 4.23 8.08 12.76
C ARG B 15 5.43 8.02 13.70
N LYS B 16 5.59 9.04 14.53
CA LYS B 16 6.59 8.98 15.59
C LYS B 16 6.29 7.83 16.56
N PHE B 17 5.01 7.68 16.93
CA PHE B 17 4.59 6.55 17.76
C PHE B 17 4.74 5.24 17.02
N PHE B 18 4.27 5.22 15.77
CA PHE B 18 4.30 4.01 14.96
C PHE B 18 5.71 3.46 14.80
N ALA B 19 6.68 4.35 14.59
CA ALA B 19 8.06 3.93 14.39
C ALA B 19 8.65 3.21 15.60
N LYS B 20 8.15 3.52 16.80
CA LYS B 20 8.72 2.96 18.02
C LYS B 20 7.82 1.91 18.69
N ALA B 21 6.62 1.73 18.14
CA ALA B 21 5.67 0.78 18.72
C ALA B 21 6.16 -0.67 18.63
N LYS B 22 6.16 -1.37 19.76
CA LYS B 22 6.64 -2.75 19.79
C LYS B 22 5.52 -3.77 19.69
N HIS B 23 4.27 -3.32 19.89
CA HIS B 23 3.14 -4.22 19.89
C HIS B 23 1.89 -3.43 19.48
N ILE B 24 1.50 -3.57 18.22
CA ILE B 24 0.39 -2.81 17.69
C ILE B 24 -0.84 -3.69 17.52
N VAL B 25 -1.96 -3.25 18.10
CA VAL B 25 -3.24 -3.91 17.89
C VAL B 25 -4.06 -3.12 16.88
N ILE B 26 -4.60 -3.83 15.88
CA ILE B 26 -5.42 -3.19 14.87
C ILE B 26 -6.82 -3.79 14.89
N ILE B 27 -7.80 -2.98 15.28
CA ILE B 27 -9.19 -3.42 15.34
C ILE B 27 -9.93 -2.99 14.08
N SER B 28 -10.54 -3.93 13.37
CA SER B 28 -11.22 -3.58 12.12
C SER B 28 -12.69 -3.98 12.10
N GLY B 29 -13.47 -3.20 11.37
CA GLY B 29 -14.88 -3.48 11.15
C GLY B 29 -15.18 -3.47 9.66
N ALA B 30 -16.47 -3.38 9.33
CA ALA B 30 -16.93 -3.52 7.94
C ALA B 30 -16.36 -2.48 6.97
N GLY B 31 -15.95 -1.33 7.50
CA GLY B 31 -15.46 -0.25 6.65
C GLY B 31 -14.26 -0.64 5.83
N VAL B 32 -13.37 -1.43 6.42
CA VAL B 32 -12.13 -1.84 5.78
C VAL B 32 -12.38 -2.63 4.50
N SER B 33 -13.58 -3.20 4.37
CA SER B 33 -13.87 -4.09 3.25
C SER B 33 -14.78 -3.48 2.19
N ALA B 34 -15.22 -2.25 2.42
CA ALA B 34 -16.11 -1.56 1.47
C ALA B 34 -15.46 -1.38 0.09
N GLY B 46 -26.03 -2.81 7.10
CA GLY B 46 -26.28 -3.47 5.82
C GLY B 46 -27.74 -3.80 5.61
N TYR B 47 -28.15 -3.90 4.34
CA TYR B 47 -29.54 -4.20 4.01
C TYR B 47 -29.71 -5.23 2.90
N TRP B 48 -30.10 -6.45 3.28
CA TRP B 48 -30.39 -7.51 2.31
C TRP B 48 -31.89 -7.70 2.21
N ARG B 49 -32.41 -7.53 0.99
CA ARG B 49 -33.86 -7.46 0.77
C ARG B 49 -34.49 -6.35 1.60
N LYS B 50 -35.59 -6.64 2.29
CA LYS B 50 -36.23 -5.63 3.11
C LYS B 50 -35.72 -5.60 4.55
N TRP B 51 -34.72 -6.43 4.85
CA TRP B 51 -34.23 -6.55 6.23
C TRP B 51 -32.84 -5.98 6.44
N GLN B 52 -32.63 -5.48 7.67
CA GLN B 52 -31.32 -5.03 8.11
C GLN B 52 -30.55 -6.26 8.55
N ALA B 53 -29.22 -6.19 8.46
CA ALA B 53 -28.37 -7.34 8.77
C ALA B 53 -28.53 -7.79 10.22
N GLN B 54 -28.67 -6.84 11.13
CA GLN B 54 -28.76 -7.14 12.55
C GLN B 54 -30.07 -7.82 12.90
N ASP B 55 -30.99 -7.89 11.95
CA ASP B 55 -32.26 -8.56 12.18
C ASP B 55 -32.17 -10.01 11.79
N LEU B 56 -31.35 -10.29 10.78
CA LEU B 56 -31.20 -11.65 10.29
C LEU B 56 -30.12 -12.38 11.07
N ALA B 57 -29.12 -11.63 11.52
CA ALA B 57 -28.02 -12.22 12.30
C ALA B 57 -28.42 -12.40 13.77
N THR B 58 -29.41 -13.27 14.00
CA THR B 58 -29.93 -13.56 15.32
C THR B 58 -30.43 -14.99 15.36
N PRO B 59 -30.24 -15.67 16.49
CA PRO B 59 -30.69 -17.07 16.59
C PRO B 59 -32.21 -17.20 16.48
N LEU B 60 -32.94 -16.14 16.80
CA LEU B 60 -34.40 -16.19 16.72
C LEU B 60 -34.88 -16.13 15.27
N ALA B 61 -34.15 -15.38 14.44
CA ALA B 61 -34.45 -15.38 13.01
C ALA B 61 -34.23 -16.79 12.48
N PHE B 62 -33.12 -17.39 12.89
CA PHE B 62 -32.73 -18.69 12.37
C PHE B 62 -33.67 -19.80 12.83
N ALA B 63 -34.13 -19.71 14.07
CA ALA B 63 -35.06 -20.69 14.61
C ALA B 63 -36.39 -20.69 13.87
N HIS B 64 -36.83 -19.52 13.41
CA HIS B 64 -38.18 -19.41 12.87
C HIS B 64 -38.26 -19.29 11.34
N ASN B 65 -37.13 -18.98 10.71
CA ASN B 65 -37.03 -18.98 9.26
C ASN B 65 -35.61 -19.28 8.83
N PRO B 66 -35.14 -20.53 9.05
CA PRO B 66 -33.76 -20.87 8.73
C PRO B 66 -33.48 -20.78 7.23
N SER B 67 -34.50 -20.98 6.42
CA SER B 67 -34.34 -20.86 4.98
C SER B 67 -33.98 -19.43 4.60
N ARG B 68 -34.69 -18.47 5.18
CA ARG B 68 -34.38 -17.07 4.95
C ARG B 68 -32.97 -16.71 5.43
N VAL B 69 -32.63 -17.12 6.65
CA VAL B 69 -31.30 -16.79 7.17
C VAL B 69 -30.21 -17.40 6.29
N TRP B 70 -30.46 -18.63 5.83
CA TRP B 70 -29.48 -19.28 4.97
C TRP B 70 -29.36 -18.65 3.59
N GLU B 71 -30.47 -18.16 3.03
CA GLU B 71 -30.41 -17.42 1.77
C GLU B 71 -29.49 -16.21 1.92
N PHE B 72 -29.58 -15.58 3.08
CA PHE B 72 -28.80 -14.40 3.40
C PHE B 72 -27.34 -14.73 3.48
N TYR B 73 -26.99 -15.74 4.27
CA TYR B 73 -25.59 -16.09 4.40
C TYR B 73 -25.04 -16.73 3.11
N HIS B 74 -25.88 -17.44 2.38
CA HIS B 74 -25.46 -17.98 1.10
C HIS B 74 -25.02 -16.86 0.17
N TYR B 75 -25.88 -15.86 0.01
CA TYR B 75 -25.60 -14.69 -0.81
C TYR B 75 -24.26 -14.06 -0.45
N ARG B 76 -23.99 -13.93 0.85
CA ARG B 76 -22.75 -13.30 1.28
C ARG B 76 -21.53 -14.18 1.00
N ARG B 77 -21.68 -15.49 1.14
CA ARG B 77 -20.59 -16.42 0.84
C ARG B 77 -20.21 -16.33 -0.63
N GLU B 78 -21.21 -16.38 -1.50
CA GLU B 78 -20.98 -16.36 -2.94
C GLU B 78 -20.44 -15.03 -3.44
N VAL B 79 -20.94 -13.92 -2.88
CA VAL B 79 -20.41 -12.61 -3.20
C VAL B 79 -18.94 -12.49 -2.77
N MET B 80 -18.66 -12.92 -1.54
CA MET B 80 -17.30 -12.82 -1.01
C MET B 80 -16.34 -13.82 -1.63
N GLY B 81 -16.87 -14.73 -2.45
CA GLY B 81 -16.02 -15.62 -3.21
C GLY B 81 -15.10 -14.82 -4.10
N SER B 82 -15.67 -14.16 -5.09
CA SER B 82 -14.90 -13.39 -6.06
C SER B 82 -14.57 -11.97 -5.60
N LYS B 83 -14.44 -11.76 -4.29
CA LYS B 83 -13.95 -10.48 -3.78
C LYS B 83 -12.49 -10.59 -3.40
N GLU B 84 -11.73 -9.50 -3.59
CA GLU B 84 -10.30 -9.51 -3.37
C GLU B 84 -9.90 -8.45 -2.33
N PRO B 85 -8.79 -8.67 -1.61
CA PRO B 85 -8.33 -7.72 -0.59
C PRO B 85 -8.06 -6.33 -1.19
N ASN B 86 -8.25 -5.28 -0.40
CA ASN B 86 -7.99 -3.92 -0.89
C ASN B 86 -6.71 -3.31 -0.29
N ALA B 87 -6.45 -2.04 -0.59
CA ALA B 87 -5.20 -1.40 -0.14
C ALA B 87 -5.10 -1.33 1.39
N GLY B 88 -6.25 -1.26 2.05
CA GLY B 88 -6.27 -1.28 3.51
C GLY B 88 -5.83 -2.62 4.07
N HIS B 89 -6.42 -3.70 3.54
CA HIS B 89 -6.08 -5.05 3.97
C HIS B 89 -4.61 -5.33 3.72
N ARG B 90 -4.16 -4.99 2.52
CA ARG B 90 -2.78 -5.22 2.10
C ARG B 90 -1.80 -4.46 2.99
N ALA B 91 -2.10 -3.21 3.30
CA ALA B 91 -1.20 -2.41 4.12
C ALA B 91 -1.10 -2.96 5.53
N ILE B 92 -2.23 -3.43 6.06
CA ILE B 92 -2.24 -4.04 7.39
C ILE B 92 -1.38 -5.31 7.38
N ALA B 93 -1.55 -6.16 6.37
CA ALA B 93 -0.77 -7.39 6.27
C ALA B 93 0.72 -7.10 6.09
N GLU B 94 1.05 -6.16 5.21
CA GLU B 94 2.46 -5.84 4.93
CA GLU B 94 2.45 -5.83 4.92
C GLU B 94 3.14 -5.23 6.14
N CYS B 95 2.40 -4.41 6.88
CA CYS B 95 2.91 -3.85 8.12
C CYS B 95 3.34 -4.97 9.07
N GLU B 96 2.46 -5.97 9.23
CA GLU B 96 2.71 -7.09 10.14
C GLU B 96 3.98 -7.83 9.74
N THR B 97 4.06 -8.19 8.47
CA THR B 97 5.21 -8.87 7.93
C THR B 97 6.51 -8.11 8.16
N ARG B 98 6.55 -6.84 7.74
CA ARG B 98 7.74 -6.01 7.89
C ARG B 98 8.14 -5.86 9.37
N LEU B 99 7.18 -5.60 10.24
CA LEU B 99 7.46 -5.43 11.66
C LEU B 99 7.90 -6.74 12.33
N GLY B 100 7.27 -7.85 11.95
CA GLY B 100 7.65 -9.16 12.46
C GLY B 100 9.13 -9.51 12.26
N LYS B 101 9.69 -9.06 11.14
CA LYS B 101 11.11 -9.31 10.88
C LYS B 101 12.01 -8.48 11.79
N GLN B 102 11.43 -7.45 12.41
CA GLN B 102 12.17 -6.62 13.36
C GLN B 102 11.91 -7.07 14.80
N GLY B 103 11.11 -8.11 14.97
CA GLY B 103 10.77 -8.59 16.29
C GLY B 103 9.71 -7.73 16.93
N ARG B 104 8.93 -7.06 16.09
CA ARG B 104 7.83 -6.22 16.56
C ARG B 104 6.51 -6.84 16.15
N ARG B 105 5.55 -6.85 17.07
CA ARG B 105 4.30 -7.59 16.87
C ARG B 105 3.13 -6.73 16.38
N VAL B 106 2.45 -7.22 15.34
CA VAL B 106 1.19 -6.62 14.90
C VAL B 106 0.09 -7.68 14.95
N VAL B 107 -1.04 -7.36 15.57
CA VAL B 107 -2.15 -8.31 15.63
C VAL B 107 -3.43 -7.65 15.16
N VAL B 108 -4.22 -8.38 14.35
CA VAL B 108 -5.49 -7.84 13.89
C VAL B 108 -6.65 -8.51 14.62
N ILE B 109 -7.51 -7.69 15.23
CA ILE B 109 -8.72 -8.17 15.88
C ILE B 109 -9.88 -7.65 15.04
N THR B 110 -10.53 -8.54 14.29
CA THR B 110 -11.57 -8.10 13.38
C THR B 110 -12.98 -8.53 13.79
N GLN B 111 -13.94 -7.64 13.57
CA GLN B 111 -15.35 -7.95 13.75
C GLN B 111 -15.88 -8.55 12.44
N ASN B 112 -15.05 -8.56 11.41
CA ASN B 112 -15.45 -9.04 10.09
C ASN B 112 -15.45 -10.55 9.99
N ILE B 113 -16.39 -11.12 9.24
CA ILE B 113 -16.41 -12.57 9.07
C ILE B 113 -16.06 -12.97 7.64
N ASP B 114 -15.53 -12.03 6.86
CA ASP B 114 -15.33 -12.26 5.44
C ASP B 114 -14.01 -12.94 5.09
N GLU B 115 -13.10 -13.02 6.07
CA GLU B 115 -11.76 -13.61 5.89
C GLU B 115 -10.84 -12.88 4.92
N LEU B 116 -11.22 -11.67 4.50
CA LEU B 116 -10.36 -10.88 3.62
C LEU B 116 -9.00 -10.56 4.25
N HIS B 117 -8.94 -10.47 5.58
CA HIS B 117 -7.65 -10.23 6.23
C HIS B 117 -6.71 -11.41 6.00
N ARG B 118 -7.26 -12.63 6.07
CA ARG B 118 -6.47 -13.83 5.77
C ARG B 118 -5.94 -13.84 4.34
N LYS B 119 -6.83 -13.59 3.39
CA LYS B 119 -6.45 -13.51 1.97
C LYS B 119 -5.35 -12.48 1.73
N ALA B 120 -5.34 -11.43 2.55
CA ALA B 120 -4.35 -10.37 2.41
C ALA B 120 -2.98 -10.79 2.94
N GLY B 121 -2.95 -11.83 3.76
CA GLY B 121 -1.68 -12.35 4.27
C GLY B 121 -1.46 -12.10 5.75
N THR B 122 -2.46 -11.55 6.42
CA THR B 122 -2.39 -11.33 7.85
C THR B 122 -2.29 -12.69 8.54
N LYS B 123 -1.31 -12.85 9.43
CA LYS B 123 -1.15 -14.11 10.14
C LYS B 123 -1.66 -14.04 11.57
N ASN B 124 -1.45 -12.89 12.23
CA ASN B 124 -1.95 -12.71 13.59
C ASN B 124 -3.35 -12.11 13.55
N LEU B 125 -4.34 -12.99 13.36
CA LEU B 125 -5.72 -12.57 13.18
C LEU B 125 -6.62 -13.20 14.24
N LEU B 126 -7.34 -12.38 14.98
CA LEU B 126 -8.40 -12.87 15.86
C LEU B 126 -9.73 -12.55 15.21
N GLU B 127 -10.49 -13.58 14.85
CA GLU B 127 -11.83 -13.38 14.30
C GLU B 127 -12.89 -13.49 15.39
N ILE B 128 -13.30 -12.34 15.95
CA ILE B 128 -14.13 -12.37 17.15
C ILE B 128 -15.61 -12.69 16.90
N HIS B 129 -16.05 -12.59 15.65
CA HIS B 129 -17.44 -12.90 15.33
C HIS B 129 -17.56 -14.12 14.42
N GLY B 130 -16.53 -14.96 14.37
CA GLY B 130 -16.62 -16.18 13.59
C GLY B 130 -16.33 -15.98 12.11
N SER B 131 -16.88 -16.84 11.25
CA SER B 131 -16.53 -16.81 9.84
C SER B 131 -17.67 -17.20 8.90
N LEU B 132 -17.71 -16.54 7.75
CA LEU B 132 -18.68 -16.83 6.70
C LEU B 132 -18.45 -18.23 6.18
N PHE B 133 -17.22 -18.71 6.33
CA PHE B 133 -16.85 -19.99 5.73
C PHE B 133 -16.60 -21.07 6.78
N LYS B 134 -17.39 -21.03 7.85
CA LYS B 134 -17.40 -22.08 8.85
C LYS B 134 -18.84 -22.40 9.21
N THR B 135 -19.10 -23.65 9.54
CA THR B 135 -20.44 -24.06 9.99
C THR B 135 -20.38 -24.68 11.37
N ARG B 136 -21.51 -24.62 12.08
CA ARG B 136 -21.65 -25.32 13.35
C ARG B 136 -22.91 -26.16 13.29
N CYS B 137 -22.83 -27.40 13.76
CA CYS B 137 -24.00 -28.27 13.74
C CYS B 137 -24.92 -28.00 14.94
N THR B 138 -26.19 -27.73 14.67
CA THR B 138 -27.15 -27.47 15.73
C THR B 138 -27.46 -28.73 16.57
N SER B 139 -27.03 -29.89 16.09
CA SER B 139 -27.20 -31.13 16.84
C SER B 139 -25.89 -31.60 17.50
N CYS B 140 -24.92 -32.02 16.69
CA CYS B 140 -23.67 -32.56 17.22
C CYS B 140 -22.71 -31.49 17.73
N GLY B 141 -23.01 -30.23 17.44
CA GLY B 141 -22.22 -29.12 17.94
C GLY B 141 -20.87 -28.95 17.26
N VAL B 142 -20.54 -29.87 16.35
CA VAL B 142 -19.25 -29.84 15.67
C VAL B 142 -19.09 -28.61 14.79
N VAL B 143 -17.93 -27.98 14.89
CA VAL B 143 -17.56 -26.83 14.07
C VAL B 143 -16.63 -27.31 12.94
N ALA B 144 -16.90 -26.86 11.72
CA ALA B 144 -16.04 -27.22 10.57
C ALA B 144 -15.89 -26.06 9.58
N GLU B 145 -14.82 -26.10 8.80
CA GLU B 145 -14.65 -25.14 7.71
C GLU B 145 -15.47 -25.60 6.51
N ASN B 146 -16.12 -24.64 5.84
CA ASN B 146 -16.91 -24.96 4.64
C ASN B 146 -16.78 -23.84 3.60
N TYR B 147 -16.14 -24.15 2.48
CA TYR B 147 -15.92 -23.19 1.40
C TYR B 147 -16.70 -23.55 0.14
N LYS B 148 -17.58 -24.53 0.23
CA LYS B 148 -18.27 -25.07 -0.95
C LYS B 148 -19.26 -24.10 -1.61
N SER B 149 -19.09 -23.89 -2.91
CA SER B 149 -19.98 -23.04 -3.69
C SER B 149 -20.77 -23.89 -4.69
N PRO B 150 -22.07 -24.12 -4.40
CA PRO B 150 -22.81 -23.65 -3.24
C PRO B 150 -22.68 -24.61 -2.07
N ILE B 151 -23.06 -24.16 -0.87
CA ILE B 151 -22.95 -24.98 0.33
C ILE B 151 -23.83 -26.24 0.24
N CYS B 152 -25.04 -26.08 -0.29
CA CYS B 152 -25.90 -27.22 -0.58
C CYS B 152 -26.59 -27.00 -1.92
N PRO B 153 -27.07 -28.08 -2.55
CA PRO B 153 -27.70 -27.94 -3.87
C PRO B 153 -28.92 -27.03 -3.89
N ALA B 154 -29.76 -27.10 -2.86
CA ALA B 154 -30.98 -26.30 -2.85
C ALA B 154 -30.72 -24.81 -2.87
N LEU B 155 -29.56 -24.38 -2.35
CA LEU B 155 -29.23 -22.95 -2.29
C LEU B 155 -28.60 -22.43 -3.60
N SER B 156 -28.37 -23.33 -4.56
CA SER B 156 -27.83 -22.91 -5.86
C SER B 156 -28.77 -21.93 -6.55
N GLY B 157 -28.24 -20.77 -6.94
CA GLY B 157 -29.04 -19.77 -7.64
C GLY B 157 -30.03 -18.99 -6.78
N LYS B 158 -29.95 -19.17 -5.46
CA LYS B 158 -30.79 -18.38 -4.55
C LYS B 158 -29.92 -17.31 -3.91
N GLY B 159 -30.53 -16.37 -3.18
CA GLY B 159 -29.77 -15.39 -2.45
C GLY B 159 -29.86 -13.94 -2.95
N ALA B 160 -30.59 -13.74 -4.05
CA ALA B 160 -30.77 -12.40 -4.63
C ALA B 160 -31.19 -11.36 -3.60
N PRO B 161 -30.48 -10.23 -3.57
CA PRO B 161 -30.62 -9.22 -2.50
C PRO B 161 -31.64 -8.12 -2.77
N GLU B 162 -32.17 -8.02 -3.98
CA GLU B 162 -33.15 -6.98 -4.30
C GLU B 162 -34.42 -7.19 -3.48
N PRO B 163 -34.96 -6.10 -2.92
CA PRO B 163 -36.25 -6.17 -2.20
C PRO B 163 -37.35 -6.68 -3.12
N GLY B 164 -38.28 -7.44 -2.57
CA GLY B 164 -39.35 -8.00 -3.38
C GLY B 164 -38.99 -9.34 -4.00
N THR B 165 -37.77 -9.79 -3.77
CA THR B 165 -37.31 -11.09 -4.27
C THR B 165 -38.05 -12.22 -3.57
N GLN B 166 -38.44 -13.23 -4.34
CA GLN B 166 -39.19 -14.37 -3.81
C GLN B 166 -38.40 -15.21 -2.82
N ASP B 167 -39.01 -15.48 -1.66
CA ASP B 167 -38.40 -16.40 -0.69
C ASP B 167 -38.22 -17.77 -1.33
N ALA B 168 -37.05 -18.36 -1.14
CA ALA B 168 -36.78 -19.69 -1.66
C ALA B 168 -37.66 -20.73 -0.98
N SER B 169 -37.89 -20.53 0.32
CA SER B 169 -38.69 -21.46 1.11
C SER B 169 -38.19 -22.90 0.97
N ILE B 170 -36.91 -23.09 1.23
CA ILE B 170 -36.30 -24.41 1.14
C ILE B 170 -36.68 -25.22 2.39
N PRO B 171 -37.24 -26.42 2.18
CA PRO B 171 -37.58 -27.30 3.31
C PRO B 171 -36.34 -27.51 4.16
N VAL B 172 -36.50 -27.55 5.48
CA VAL B 172 -35.35 -27.60 6.38
C VAL B 172 -34.43 -28.81 6.10
N GLU B 173 -35.00 -29.88 5.56
CA GLU B 173 -34.23 -31.07 5.23
C GLU B 173 -33.28 -30.83 4.07
N LYS B 174 -33.54 -29.78 3.28
CA LYS B 174 -32.69 -29.50 2.12
C LYS B 174 -31.69 -28.37 2.37
N LEU B 175 -31.74 -27.80 3.57
CA LEU B 175 -30.73 -26.83 3.98
C LEU B 175 -29.44 -27.59 4.31
N PRO B 176 -28.31 -26.89 4.50
CA PRO B 176 -27.07 -27.60 4.85
C PRO B 176 -27.24 -28.53 6.04
N ARG B 177 -26.78 -29.78 5.92
CA ARG B 177 -26.90 -30.76 6.99
C ARG B 177 -25.52 -31.32 7.38
N CYS B 178 -25.38 -31.72 8.64
CA CYS B 178 -24.12 -32.22 9.18
C CYS B 178 -23.70 -33.51 8.47
N GLU B 179 -22.44 -33.57 8.04
CA GLU B 179 -21.92 -34.76 7.35
C GLU B 179 -21.05 -35.59 8.27
N GLU B 180 -21.33 -35.52 9.57
CA GLU B 180 -20.68 -36.38 10.55
C GLU B 180 -21.51 -37.65 10.69
N ALA B 181 -20.86 -38.72 11.16
CA ALA B 181 -21.47 -40.06 11.24
C ALA B 181 -22.84 -40.12 11.91
N GLY B 182 -23.88 -40.30 11.10
CA GLY B 182 -25.23 -40.44 11.59
C GLY B 182 -25.79 -39.23 12.34
N CYS B 183 -25.36 -38.04 11.96
CA CYS B 183 -25.98 -36.85 12.52
C CYS B 183 -27.06 -36.38 11.56
N GLY B 184 -26.66 -35.74 10.47
CA GLY B 184 -27.61 -35.18 9.53
C GLY B 184 -28.37 -34.02 10.11
N GLY B 185 -27.89 -33.49 11.24
CA GLY B 185 -28.55 -32.38 11.89
C GLY B 185 -28.38 -31.10 11.10
N LEU B 186 -29.18 -30.09 11.42
CA LEU B 186 -29.14 -28.83 10.70
C LEU B 186 -27.89 -28.00 11.01
N LEU B 187 -27.19 -27.56 9.97
CA LEU B 187 -26.06 -26.65 10.13
C LEU B 187 -26.51 -25.18 10.18
N ARG B 188 -25.83 -24.39 11.02
CA ARG B 188 -25.94 -22.94 10.98
C ARG B 188 -24.56 -22.39 10.64
N PRO B 189 -24.49 -21.12 10.21
CA PRO B 189 -23.16 -20.51 10.09
C PRO B 189 -22.50 -20.42 11.46
N HIS B 190 -21.19 -20.70 11.53
CA HIS B 190 -20.43 -20.49 12.76
C HIS B 190 -20.07 -19.01 12.86
N VAL B 191 -21.10 -18.22 13.13
CA VAL B 191 -21.01 -16.77 13.24
C VAL B 191 -21.62 -16.36 14.56
N VAL B 192 -21.00 -15.42 15.26
CA VAL B 192 -21.59 -14.93 16.51
C VAL B 192 -22.70 -13.95 16.17
N TRP B 193 -23.93 -14.30 16.54
CA TRP B 193 -25.08 -13.46 16.25
C TRP B 193 -25.43 -12.52 17.40
N PHE B 194 -26.16 -11.47 17.09
CA PHE B 194 -26.63 -10.54 18.10
C PHE B 194 -27.48 -11.26 19.14
N GLY B 195 -27.16 -11.03 20.42
CA GLY B 195 -27.84 -11.75 21.49
C GLY B 195 -27.05 -12.98 21.94
N GLU B 196 -25.98 -13.31 21.23
CA GLU B 196 -25.15 -14.46 21.60
C GLU B 196 -23.83 -14.01 22.20
N ASN B 197 -23.24 -14.87 23.05
CA ASN B 197 -21.96 -14.53 23.68
C ASN B 197 -20.78 -14.81 22.74
N LEU B 198 -19.81 -13.89 22.69
CA LEU B 198 -18.57 -14.17 21.98
C LEU B 198 -17.83 -15.26 22.75
N ASP B 199 -16.97 -16.01 22.07
CA ASP B 199 -16.21 -17.11 22.69
C ASP B 199 -15.33 -16.61 23.85
N PRO B 200 -15.48 -17.21 25.03
CA PRO B 200 -14.73 -16.71 26.19
C PRO B 200 -13.21 -16.85 26.05
N ALA B 201 -12.73 -17.85 25.31
CA ALA B 201 -11.30 -18.01 25.11
C ALA B 201 -10.77 -16.90 24.21
N ILE B 202 -11.52 -16.60 23.16
CA ILE B 202 -11.21 -15.48 22.28
C ILE B 202 -11.20 -14.16 23.04
N LEU B 203 -12.16 -13.98 23.95
CA LEU B 203 -12.24 -12.74 24.72
C LEU B 203 -11.08 -12.59 25.69
N GLU B 204 -10.67 -13.69 26.32
CA GLU B 204 -9.49 -13.65 27.18
C GLU B 204 -8.23 -13.31 26.35
N GLU B 205 -8.17 -13.82 25.13
CA GLU B 205 -7.02 -13.52 24.27
C GLU B 205 -7.01 -12.05 23.83
N VAL B 206 -8.17 -11.54 23.46
CA VAL B 206 -8.32 -10.11 23.15
C VAL B 206 -7.79 -9.27 24.32
N ASP B 207 -8.22 -9.61 25.52
CA ASP B 207 -7.78 -8.89 26.72
C ASP B 207 -6.25 -8.87 26.86
N ARG B 208 -5.60 -9.99 26.54
CA ARG B 208 -4.15 -10.05 26.64
C ARG B 208 -3.50 -9.10 25.63
N GLU B 209 -4.03 -9.07 24.42
CA GLU B 209 -3.48 -8.20 23.38
C GLU B 209 -3.66 -6.72 23.75
N LEU B 210 -4.90 -6.36 24.10
CA LEU B 210 -5.21 -5.00 24.52
C LEU B 210 -4.34 -4.55 25.71
N ALA B 211 -4.16 -5.43 26.69
CA ALA B 211 -3.42 -5.07 27.89
C ALA B 211 -1.93 -4.86 27.61
N HIS B 212 -1.42 -5.51 26.57
CA HIS B 212 0.03 -5.51 26.34
C HIS B 212 0.48 -4.54 25.26
N CYS B 213 -0.44 -4.12 24.40
CA CYS B 213 -0.05 -3.29 23.26
C CYS B 213 0.39 -1.91 23.70
N ASP B 214 1.31 -1.30 22.93
CA ASP B 214 1.73 0.08 23.20
C ASP B 214 1.20 1.07 22.15
N LEU B 215 0.46 0.56 21.16
CA LEU B 215 -0.20 1.42 20.17
C LEU B 215 -1.39 0.69 19.55
N CYS B 216 -2.47 1.43 19.31
CA CYS B 216 -3.71 0.81 18.84
C CYS B 216 -4.35 1.58 17.69
N LEU B 217 -4.75 0.85 16.66
CA LEU B 217 -5.44 1.43 15.53
C LEU B 217 -6.85 0.87 15.51
N VAL B 218 -7.85 1.74 15.38
CA VAL B 218 -9.21 1.27 15.22
C VAL B 218 -9.74 1.70 13.85
N VAL B 219 -10.00 0.72 13.00
CA VAL B 219 -10.09 0.95 11.56
C VAL B 219 -11.42 0.51 10.97
N GLY B 220 -12.06 1.41 10.21
CA GLY B 220 -13.29 1.09 9.50
C GLY B 220 -14.37 0.41 10.32
N THR B 221 -14.57 0.86 11.55
CA THR B 221 -15.69 0.34 12.34
C THR B 221 -16.54 1.48 12.85
N SER B 222 -17.84 1.25 12.90
CA SER B 222 -18.78 2.27 13.37
C SER B 222 -18.69 2.43 14.88
N SER B 223 -18.04 1.48 15.55
CA SER B 223 -17.97 1.45 17.00
C SER B 223 -19.36 1.52 17.66
N VAL B 224 -20.33 0.83 17.05
CA VAL B 224 -21.65 0.72 17.67
C VAL B 224 -22.04 -0.73 17.93
N VAL B 225 -21.12 -1.66 17.66
CA VAL B 225 -21.35 -3.06 18.01
C VAL B 225 -20.54 -3.47 19.25
N TYR B 226 -21.23 -3.96 20.27
CA TYR B 226 -20.58 -4.35 21.52
C TYR B 226 -20.45 -5.87 21.61
N PRO B 227 -19.46 -6.37 22.39
CA PRO B 227 -18.48 -5.63 23.18
C PRO B 227 -17.29 -5.04 22.39
N ALA B 228 -17.18 -5.29 21.09
CA ALA B 228 -16.02 -4.85 20.33
C ALA B 228 -15.77 -3.34 20.44
N ALA B 229 -16.84 -2.56 20.50
CA ALA B 229 -16.76 -1.11 20.57
C ALA B 229 -16.00 -0.58 21.78
N MET B 230 -15.86 -1.42 22.81
CA MET B 230 -15.15 -1.00 24.03
C MET B 230 -13.66 -1.33 24.02
N PHE B 231 -13.22 -2.17 23.08
CA PHE B 231 -11.81 -2.58 23.01
C PHE B 231 -10.85 -1.37 22.91
N ALA B 232 -10.98 -0.56 21.87
CA ALA B 232 -10.09 0.60 21.74
C ALA B 232 -10.16 1.63 22.88
N PRO B 233 -11.38 1.99 23.33
CA PRO B 233 -11.41 2.94 24.45
C PRO B 233 -10.79 2.37 25.73
N GLN B 234 -10.84 1.05 25.90
CA GLN B 234 -10.20 0.40 27.03
C GLN B 234 -8.69 0.66 27.02
N VAL B 235 -8.10 0.61 25.82
CA VAL B 235 -6.68 0.87 25.63
C VAL B 235 -6.34 2.33 25.92
N ALA B 236 -7.15 3.25 25.40
CA ALA B 236 -6.91 4.68 25.61
C ALA B 236 -7.01 5.04 27.08
N ALA B 237 -7.91 4.37 27.80
CA ALA B 237 -8.10 4.62 29.22
C ALA B 237 -6.90 4.16 30.06
N ARG B 238 -5.91 3.55 29.41
CA ARG B 238 -4.67 3.16 30.07
C ARG B 238 -3.58 4.23 29.88
N GLY B 239 -3.76 5.07 28.87
CA GLY B 239 -2.75 6.07 28.55
C GLY B 239 -2.11 5.81 27.19
N VAL B 240 -2.45 4.67 26.61
CA VAL B 240 -1.89 4.27 25.32
C VAL B 240 -2.59 4.98 24.18
N PRO B 241 -1.81 5.51 23.22
CA PRO B 241 -2.36 6.23 22.05
C PRO B 241 -3.21 5.35 21.15
N VAL B 242 -4.37 5.85 20.76
CA VAL B 242 -5.25 5.15 19.82
C VAL B 242 -5.51 6.03 18.60
N ALA B 243 -5.38 5.45 17.42
CA ALA B 243 -5.64 6.20 16.19
C ALA B 243 -6.81 5.60 15.42
N GLU B 244 -7.85 6.40 15.20
CA GLU B 244 -9.04 5.94 14.51
C GLU B 244 -8.98 6.28 13.01
N PHE B 245 -9.19 5.27 12.17
CA PHE B 245 -9.28 5.50 10.72
C PHE B 245 -10.69 5.17 10.27
N ASN B 246 -11.44 6.19 9.86
CA ASN B 246 -12.83 6.00 9.47
C ASN B 246 -13.31 7.15 8.60
N THR B 247 -14.31 6.86 7.76
CA THR B 247 -14.82 7.85 6.82
C THR B 247 -15.55 8.98 7.53
N GLU B 248 -16.08 8.67 8.72
CA GLU B 248 -16.73 9.68 9.55
C GLU B 248 -16.44 9.44 11.04
N THR B 249 -16.89 10.36 11.89
CA THR B 249 -16.67 10.24 13.33
C THR B 249 -17.63 9.21 13.97
N THR B 250 -17.27 8.75 15.17
CA THR B 250 -18.05 7.72 15.87
C THR B 250 -18.27 8.14 17.32
N PRO B 251 -19.18 7.47 18.06
CA PRO B 251 -19.39 7.83 19.47
C PRO B 251 -18.14 7.63 20.34
N ALA B 252 -17.13 6.97 19.79
CA ALA B 252 -15.90 6.70 20.53
C ALA B 252 -14.75 7.65 20.15
N THR B 253 -14.96 8.46 19.11
CA THR B 253 -13.87 9.27 18.52
C THR B 253 -13.09 10.11 19.53
N ASN B 254 -13.80 10.81 20.42
CA ASN B 254 -13.15 11.76 21.32
C ASN B 254 -12.46 11.10 22.50
N ARG B 255 -12.46 9.77 22.52
CA ARG B 255 -11.73 9.02 23.54
C ARG B 255 -10.30 8.79 23.05
N PHE B 256 -10.07 8.98 21.75
CA PHE B 256 -8.81 8.59 21.12
C PHE B 256 -7.81 9.74 20.96
N ARG B 257 -6.54 9.39 20.75
CA ARG B 257 -5.47 10.38 20.57
C ARG B 257 -5.49 10.97 19.16
N PHE B 258 -5.82 10.13 18.19
CA PHE B 258 -5.77 10.54 16.78
C PHE B 258 -7.04 10.14 16.04
N HIS B 259 -7.40 10.92 15.03
CA HIS B 259 -8.49 10.58 14.13
C HIS B 259 -8.15 11.03 12.71
N PHE B 260 -8.06 10.06 11.81
CA PHE B 260 -7.77 10.34 10.41
C PHE B 260 -9.01 10.03 9.57
N GLN B 261 -9.64 11.06 9.03
CA GLN B 261 -10.87 10.93 8.27
C GLN B 261 -10.61 10.53 6.81
N GLY B 262 -11.38 9.59 6.30
CA GLY B 262 -11.28 9.18 4.91
C GLY B 262 -11.38 7.68 4.72
N PRO B 263 -11.45 7.24 3.46
CA PRO B 263 -11.46 5.80 3.17
C PRO B 263 -10.17 5.14 3.61
N CYS B 264 -10.25 3.93 4.15
CA CYS B 264 -9.09 3.28 4.73
C CYS B 264 -8.07 2.86 3.68
N GLY B 265 -8.53 2.64 2.45
CA GLY B 265 -7.63 2.27 1.37
C GLY B 265 -6.71 3.42 0.98
N THR B 266 -7.03 4.61 1.47
CA THR B 266 -6.23 5.80 1.21
C THR B 266 -5.34 6.14 2.41
N THR B 267 -5.96 6.28 3.58
CA THR B 267 -5.26 6.73 4.78
C THR B 267 -4.29 5.70 5.37
N LEU B 268 -4.66 4.42 5.34
CA LEU B 268 -3.83 3.37 5.94
C LEU B 268 -2.45 3.15 5.31
N PRO B 269 -2.36 3.07 3.96
CA PRO B 269 -1.02 2.86 3.40
C PRO B 269 -0.07 4.00 3.77
N GLU B 270 -0.55 5.23 3.80
CA GLU B 270 0.28 6.34 4.25
C GLU B 270 0.77 6.16 5.68
N ALA B 271 -0.16 5.88 6.60
CA ALA B 271 0.19 5.75 8.01
C ALA B 271 1.10 4.55 8.28
N LEU B 272 0.90 3.46 7.53
CA LEU B 272 1.66 2.23 7.80
C LEU B 272 2.87 2.05 6.87
N ALA B 273 3.23 3.09 6.11
CA ALA B 273 4.32 2.97 5.13
C ALA B 273 5.69 2.82 5.81
N THR C 3 19.90 8.24 -29.43
CA THR C 3 18.80 7.75 -28.61
C THR C 3 19.25 7.49 -27.18
N ALA C 4 20.50 7.09 -26.99
CA ALA C 4 21.04 6.85 -25.66
C ALA C 4 21.38 8.16 -24.95
N ARG C 5 21.33 9.25 -25.70
CA ARG C 5 21.67 10.58 -25.19
C ARG C 5 20.57 11.17 -24.28
C SLL C 6 19.74 13.54 -22.58
N SLL C 6 20.96 11.53 -23.04
O SLL C 6 20.69 14.38 -22.60
CA SLL C 6 20.02 12.15 -22.12
CB SLL C 6 20.58 12.22 -20.69
CD SLL C 6 19.95 12.49 -18.28
CE SLL C 6 18.83 12.91 -17.35
CG SLL C 6 19.45 12.48 -19.72
CK SLL C 6 19.00 13.09 -13.47
CL SLL C 6 19.41 14.47 -13.06
CP SLL C 6 19.35 14.59 -11.57
CX SLL C 6 18.45 13.18 -14.87
OX SLL C 6 17.29 13.54 -15.05
NZ SLL C 6 19.32 12.84 -15.98
OP1 SLL C 6 20.24 15.21 -10.96
OP2 SLL C 6 18.40 14.07 -10.92
N SER C 7 18.51 13.82 -22.94
CA SER C 7 18.15 15.19 -23.34
C SER C 7 16.79 15.62 -22.80
N THR C 8 16.51 16.92 -22.84
CA THR C 8 15.18 17.42 -22.52
C THR C 8 14.36 17.50 -23.81
N GLY C 9 15.08 17.57 -24.94
CA GLY C 9 14.44 17.58 -26.25
C GLY C 9 14.65 16.28 -27.00
N THR D 3 -18.01 -8.00 30.03
CA THR D 3 -19.22 -8.55 29.45
C THR D 3 -18.94 -9.21 28.09
N ALA D 4 -19.90 -9.98 27.58
CA ALA D 4 -19.65 -10.82 26.42
C ALA D 4 -20.76 -10.87 25.37
N ARG D 5 -21.96 -10.41 25.71
CA ARG D 5 -23.09 -10.58 24.80
C ARG D 5 -23.07 -9.58 23.64
C SLL D 6 -24.34 -8.43 21.20
N SLL D 6 -23.11 -10.09 22.43
O SLL D 6 -25.47 -9.00 21.29
CA SLL D 6 -23.09 -9.24 21.25
CB SLL D 6 -22.93 -10.07 19.97
CD SLL D 6 -22.54 -10.03 17.52
CE SLL D 6 -21.94 -9.26 16.36
CG SLL D 6 -22.54 -9.20 18.79
CK SLL D 6 -21.82 -10.62 12.70
CL SLL D 6 -23.01 -10.29 11.84
CP SLL D 6 -22.80 -10.84 10.47
CX SLL D 6 -21.82 -9.64 13.85
OX SLL D 6 -21.72 -8.44 13.63
NZ SLL D 6 -21.93 -10.15 15.21
OP1 SLL D 6 -22.05 -10.25 9.66
OP2 SLL D 6 -23.41 -11.89 10.11
N SER D 7 -24.19 -7.12 21.07
CA SER D 7 -25.34 -6.23 20.92
C SER D 7 -25.00 -5.03 20.05
N THR D 8 -26.02 -4.43 19.44
CA THR D 8 -25.83 -3.18 18.71
C THR D 8 -26.13 -2.03 19.66
N GLY D 9 -25.19 -1.10 19.79
CA GLY D 9 -25.39 0.06 20.63
C GLY D 9 -26.28 1.08 19.96
ZN ZN E . 40.66 8.16 -8.65
ZN ZN F . -23.90 -32.90 13.56
#